data_6ZFA
#
_entry.id   6ZFA
#
_cell.length_a   127.891
_cell.length_b   127.891
_cell.length_c   48.352
_cell.angle_alpha   90.000
_cell.angle_beta   90.000
_cell.angle_gamma   120.000
#
_symmetry.space_group_name_H-M   'P 62'
#
loop_
_entity.id
_entity.type
_entity.pdbx_description
1 polymer 'Glycoprotein endo-alpha-1,2-mannosidase'
2 branched alpha-D-mannopyranose-(1-2)-alpha-D-mannopyranose
3 non-polymer '4-(2-HYDROXYETHYL)-1-PIPERAZINE ETHANESULFONIC ACID'
4 non-polymer 'MAGNESIUM ION'
5 non-polymer 6-tungstotellurate(VI)
6 non-polymer 5-HYDROXYMETHYL-3,4-DIHYDROXYPIPERIDINE
7 non-polymer alpha-D-glucopyranose
8 water water
#
_entity_poly.entity_id   1
_entity_poly.type   'polypeptide(L)'
_entity_poly.pdbx_seq_one_letter_code
;MNHKVHHHHHHIEGRHMPLNNYLHVFYYSWYGNPQFDGKYIHWNHPVLEHWDPRIAKNYPQGRHNPPDDIGSSFYPELGS
YSSRDPSVIETHMRQMRSASIGVLALSWYPPDVNDENGEPTDNLVPTILDKAHKYNLKVTFHIEPYSNRDDQNMYKNVKY
IIDKYGNHPAFYRYKTKTGNALPMFYVYDSYITKPEKWANLLTTSGSRSIRNSPYDGLFIALLVEEKHKYDILQSGFDGI
YTYFATNGFTYGSSHQNWASLKLFCDKYNLIFIPSVGPGYIDTSIRPWNTQNTRNRINGKYYEIGLSAALQTRPSLISIT
SFNEWHEGTQIEKAVPKRTSNTVYLDYRPHKPGLYLELTRKWSEKYSKERATYALDRQLPVS
;
_entity_poly.pdbx_strand_id   AAA
#
loop_
_chem_comp.id
_chem_comp.type
_chem_comp.name
_chem_comp.formula
EPE non-polymer '4-(2-HYDROXYETHYL)-1-PIPERAZINE ETHANESULFONIC ACID' 'C8 H18 N2 O4 S'
GLC D-saccharide, alpha linking alpha-D-glucopyranose 'C6 H12 O6'
IFM non-polymer 5-HYDROXYMETHYL-3,4-DIHYDROXYPIPERIDINE 'C6 H13 N O3'
MAN D-saccharide, alpha linking alpha-D-mannopyranose 'C6 H12 O6'
MG non-polymer 'MAGNESIUM ION' 'Mg 2'
TEW non-polymer 6-tungstotellurate(VI) 'O24 Te W6 -6'
#
# COMPACT_ATOMS: atom_id res chain seq x y z
N LEU A 19 -13.91 -10.05 -10.26
CA LEU A 19 -12.91 -9.54 -9.28
C LEU A 19 -11.50 -9.71 -9.86
N ASN A 20 -10.75 -8.61 -10.00
CA ASN A 20 -9.41 -8.64 -10.59
C ASN A 20 -8.34 -8.99 -9.56
N ASN A 21 -7.86 -10.24 -9.58
CA ASN A 21 -6.84 -10.71 -8.61
C ASN A 21 -5.43 -10.23 -8.93
N TYR A 22 -5.26 -9.53 -10.05
CA TYR A 22 -4.01 -8.93 -10.41
C TYR A 22 -3.94 -7.41 -10.04
N LEU A 23 -4.92 -6.93 -9.29
CA LEU A 23 -5.01 -5.53 -8.88
C LEU A 23 -5.02 -5.52 -7.37
N HIS A 24 -3.95 -4.98 -6.76
CA HIS A 24 -3.74 -4.99 -5.31
C HIS A 24 -3.83 -3.54 -4.81
N VAL A 25 -4.38 -3.32 -3.64
CA VAL A 25 -4.52 -1.95 -3.07
C VAL A 25 -3.91 -1.93 -1.66
N PHE A 26 -3.14 -0.89 -1.36
CA PHE A 26 -2.55 -0.73 -0.03
C PHE A 26 -3.58 -0.28 1.00
N TYR A 27 -3.71 -1.07 2.05
CA TYR A 27 -4.75 -0.90 3.05
C TYR A 27 -4.12 -0.70 4.42
N TYR A 28 -4.74 0.17 5.21
CA TYR A 28 -4.20 0.56 6.51
C TYR A 28 -5.28 0.25 7.57
N SER A 29 -4.89 -0.39 8.66
CA SER A 29 -5.81 -0.75 9.75
C SER A 29 -5.44 -0.06 11.07
N TRP A 30 -4.81 1.10 11.00
CA TRP A 30 -4.28 1.76 12.18
C TRP A 30 -5.14 2.91 12.77
N TYR A 31 -6.38 3.09 12.29
CA TYR A 31 -7.27 4.16 12.74
C TYR A 31 -8.06 3.70 13.99
N GLY A 32 -8.20 4.61 14.95
CA GLY A 32 -8.96 4.33 16.17
C GLY A 32 -9.80 5.50 16.64
N ASN A 33 -10.81 5.20 17.46
CA ASN A 33 -11.64 6.24 18.08
C ASN A 33 -12.05 5.83 19.50
N PRO A 34 -12.59 6.78 20.30
CA PRO A 34 -12.83 6.41 21.69
C PRO A 34 -13.79 5.25 21.88
N GLN A 35 -14.80 5.16 21.01
CA GLN A 35 -15.89 4.21 21.19
C GLN A 35 -15.43 2.74 20.99
N PHE A 36 -14.43 2.54 20.11
CA PHE A 36 -13.86 1.21 19.88
C PHE A 36 -12.47 1.00 20.42
N ASP A 37 -11.69 2.06 20.61
CA ASP A 37 -10.30 1.89 21.02
C ASP A 37 -9.95 2.53 22.33
N GLY A 38 -10.91 3.21 22.96
CA GLY A 38 -10.64 4.00 24.17
C GLY A 38 -9.99 5.36 23.99
N LYS A 39 -9.55 5.68 22.77
CA LYS A 39 -8.97 6.98 22.46
C LYS A 39 -8.88 7.13 20.93
N TYR A 40 -8.66 8.35 20.45
CA TYR A 40 -8.37 8.51 19.01
C TYR A 40 -7.00 7.91 18.72
N ILE A 41 -6.86 7.28 17.55
CA ILE A 41 -5.57 6.80 17.07
C ILE A 41 -5.51 7.19 15.60
N HIS A 42 -4.38 7.80 15.24
CA HIS A 42 -4.07 8.28 13.88
C HIS A 42 -4.86 9.49 13.39
N TRP A 43 -6.18 9.54 13.61
CA TRP A 43 -6.96 10.75 13.28
C TRP A 43 -6.41 11.98 14.01
N ASN A 44 -5.94 11.76 15.25
CA ASN A 44 -5.27 12.75 16.09
C ASN A 44 -3.73 12.78 15.88
N HIS A 45 -3.31 12.66 14.62
CA HIS A 45 -1.91 12.54 14.26
C HIS A 45 -1.17 13.82 14.65
N PRO A 46 0.08 13.68 15.10
CA PRO A 46 0.86 14.89 15.32
C PRO A 46 1.29 15.52 14.01
N VAL A 47 1.50 16.82 14.01
CA VAL A 47 2.22 17.46 12.92
C VAL A 47 3.67 16.99 13.09
N LEU A 48 4.25 16.50 11.98
CA LEU A 48 5.63 16.03 11.98
C LEU A 48 6.56 17.20 11.79
N GLU A 49 7.56 17.27 12.64
CA GLU A 49 8.50 18.38 12.69
C GLU A 49 9.48 18.26 11.56
N HIS A 50 9.71 19.36 10.85
CA HIS A 50 10.83 19.44 9.91
C HIS A 50 12.14 19.25 10.71
N TRP A 51 13.12 18.53 10.15
CA TRP A 51 14.45 18.29 10.78
C TRP A 51 15.12 19.57 11.33
N ASP A 52 15.06 20.65 10.59
CA ASP A 52 15.49 21.96 11.08
C ASP A 52 14.38 22.65 11.92
N PRO A 53 14.61 22.84 13.25
CA PRO A 53 13.56 23.44 14.08
C PRO A 53 13.29 24.93 13.80
N ARG A 54 14.24 25.60 13.14
CA ARG A 54 14.02 26.95 12.66
C ARG A 54 12.88 26.95 11.63
N ILE A 55 12.83 25.91 10.79
CA ILE A 55 11.73 25.76 9.82
C ILE A 55 10.42 25.31 10.50
N ALA A 56 10.49 24.28 11.33
CA ALA A 56 9.30 23.76 12.04
C ALA A 56 8.53 24.80 12.88
N LYS A 57 9.25 25.77 13.44
CA LYS A 57 8.59 26.77 14.30
C LYS A 57 7.64 27.71 13.51
N ASN A 58 7.77 27.77 12.18
CA ASN A 58 6.85 28.58 11.36
C ASN A 58 5.59 27.81 10.90
N TYR A 59 5.42 26.56 11.32
CA TYR A 59 4.32 25.74 10.81
C TYR A 59 3.49 25.29 11.97
N PRO A 60 2.26 24.79 11.70
CA PRO A 60 1.47 24.18 12.77
C PRO A 60 2.22 23.09 13.56
N GLN A 61 1.79 22.86 14.80
CA GLN A 61 2.40 21.88 15.70
C GLN A 61 1.34 21.18 16.52
N GLY A 62 1.67 20.03 17.09
CA GLY A 62 0.78 19.29 18.01
C GLY A 62 -0.14 18.31 17.31
N ARG A 63 -0.99 17.63 18.09
CA ARG A 63 -1.92 16.67 17.56
C ARG A 63 -3.21 17.29 17.08
N HIS A 64 -3.71 16.78 15.96
CA HIS A 64 -5.05 17.11 15.48
C HIS A 64 -6.08 16.67 16.50
N ASN A 65 -7.24 17.33 16.48
CA ASN A 65 -8.29 17.13 17.46
C ASN A 65 -9.59 16.64 16.87
N PRO A 66 -9.76 15.30 16.75
CA PRO A 66 -10.94 14.82 16.08
C PRO A 66 -12.18 14.95 16.99
N PRO A 67 -13.39 14.94 16.43
CA PRO A 67 -13.64 14.49 15.05
C PRO A 67 -13.62 15.59 13.97
N ASP A 68 -13.64 16.87 14.34
CA ASP A 68 -13.73 17.90 13.31
C ASP A 68 -12.41 18.26 12.70
N ASP A 69 -11.33 18.10 13.48
CA ASP A 69 -9.99 18.39 13.02
C ASP A 69 -9.19 17.09 13.00
N ILE A 70 -8.96 16.55 11.82
CA ILE A 70 -8.20 15.31 11.72
C ILE A 70 -6.90 15.51 10.95
N GLY A 71 -6.00 14.55 11.03
CA GLY A 71 -4.75 14.55 10.24
C GLY A 71 -4.91 14.04 8.83
N SER A 72 -5.78 14.70 8.09
CA SER A 72 -5.99 14.49 6.68
C SER A 72 -6.42 15.79 6.04
N SER A 73 -6.10 15.95 4.75
CA SER A 73 -6.63 17.03 3.94
C SER A 73 -8.06 16.76 3.38
N PHE A 74 -8.52 15.51 3.52
CA PHE A 74 -9.82 15.07 3.08
C PHE A 74 -10.54 14.59 4.34
N TYR A 75 -11.80 14.25 4.16
CA TYR A 75 -12.62 13.77 5.25
C TYR A 75 -13.41 12.52 4.85
N PRO A 76 -13.33 11.43 5.66
CA PRO A 76 -13.99 10.19 5.22
C PRO A 76 -15.51 10.25 5.35
N GLU A 77 -16.18 9.57 4.42
CA GLU A 77 -17.59 9.28 4.59
C GLU A 77 -17.90 8.61 5.92
N LEU A 78 -17.03 7.70 6.35
CA LEU A 78 -17.19 7.01 7.64
C LEU A 78 -16.76 7.83 8.89
N GLY A 79 -16.34 9.07 8.72
CA GLY A 79 -15.91 9.91 9.80
C GLY A 79 -14.56 9.50 10.34
N SER A 80 -14.33 9.87 11.59
CA SER A 80 -13.11 9.48 12.31
CA SER A 80 -13.13 9.48 12.33
C SER A 80 -13.31 8.06 12.83
N TYR A 81 -13.21 7.10 11.90
CA TYR A 81 -13.59 5.72 12.13
C TYR A 81 -12.57 4.87 12.81
N SER A 82 -13.04 3.74 13.31
CA SER A 82 -12.16 2.75 13.93
C SER A 82 -11.92 1.59 12.97
N SER A 83 -10.66 1.28 12.70
CA SER A 83 -10.27 0.14 11.84
C SER A 83 -10.76 -1.21 12.41
N ARG A 84 -11.00 -1.22 13.71
CA ARG A 84 -11.44 -2.38 14.51
C ARG A 84 -12.98 -2.54 14.59
N ASP A 85 -13.73 -1.59 14.02
CA ASP A 85 -15.18 -1.62 13.93
C ASP A 85 -15.56 -2.57 12.80
N PRO A 86 -16.27 -3.67 13.12
CA PRO A 86 -16.53 -4.62 12.05
C PRO A 86 -17.42 -4.07 10.91
N SER A 87 -18.27 -3.08 11.17
CA SER A 87 -19.04 -2.49 10.08
C SER A 87 -18.17 -1.59 9.17
N VAL A 88 -17.17 -0.93 9.74
CA VAL A 88 -16.18 -0.21 8.94
C VAL A 88 -15.43 -1.21 8.01
N ILE A 89 -14.95 -2.32 8.57
CA ILE A 89 -14.20 -3.31 7.75
C ILE A 89 -15.07 -3.83 6.59
N GLU A 90 -16.35 -4.10 6.87
CA GLU A 90 -17.30 -4.51 5.83
C GLU A 90 -17.52 -3.51 4.74
N THR A 91 -17.68 -2.25 5.13
CA THR A 91 -17.82 -1.19 4.16
C THR A 91 -16.59 -1.13 3.23
N HIS A 92 -15.42 -1.23 3.84
CA HIS A 92 -14.16 -1.21 3.09
C HIS A 92 -14.13 -2.35 2.09
N MET A 93 -14.46 -3.55 2.56
CA MET A 93 -14.49 -4.74 1.68
C MET A 93 -15.49 -4.56 0.54
N ARG A 94 -16.67 -3.99 0.85
CA ARG A 94 -17.67 -3.71 -0.17
C ARG A 94 -17.09 -2.81 -1.22
N GLN A 95 -16.46 -1.70 -0.78
CA GLN A 95 -15.87 -0.71 -1.70
C GLN A 95 -14.79 -1.27 -2.61
N MET A 96 -13.88 -2.06 -2.05
CA MET A 96 -12.85 -2.68 -2.87
C MET A 96 -13.46 -3.67 -3.87
N ARG A 97 -14.38 -4.52 -3.41
CA ARG A 97 -15.12 -5.42 -4.33
C ARG A 97 -15.85 -4.65 -5.45
N SER A 98 -16.49 -3.54 -5.13
CA SER A 98 -17.16 -2.73 -6.15
C SER A 98 -16.22 -1.99 -7.08
N ALA A 99 -15.03 -1.66 -6.58
CA ALA A 99 -13.92 -1.20 -7.45
C ALA A 99 -13.30 -2.31 -8.31
N SER A 100 -13.69 -3.56 -8.08
CA SER A 100 -13.10 -4.76 -8.72
C SER A 100 -11.64 -5.03 -8.34
N ILE A 101 -11.29 -4.63 -7.12
CA ILE A 101 -9.96 -4.92 -6.58
C ILE A 101 -10.08 -6.25 -5.86
N GLY A 102 -9.26 -7.22 -6.24
CA GLY A 102 -9.30 -8.54 -5.62
C GLY A 102 -8.48 -8.75 -4.36
N VAL A 103 -7.50 -7.89 -4.13
CA VAL A 103 -6.54 -8.11 -3.07
C VAL A 103 -6.25 -6.81 -2.33
N LEU A 104 -6.21 -6.89 -1.00
CA LEU A 104 -5.70 -5.79 -0.22
C LEU A 104 -4.34 -6.17 0.36
N ALA A 105 -3.37 -5.27 0.24
CA ALA A 105 -2.04 -5.42 0.80
C ALA A 105 -2.00 -4.64 2.11
N LEU A 106 -2.14 -5.41 3.18
CA LEU A 106 -2.33 -4.90 4.53
C LEU A 106 -1.06 -4.45 5.16
N SER A 107 -0.98 -3.15 5.47
CA SER A 107 0.14 -2.59 6.26
C SER A 107 0.28 -3.38 7.57
N TRP A 108 1.48 -3.87 7.85
CA TRP A 108 1.68 -4.82 8.98
C TRP A 108 2.95 -4.59 9.74
N TYR A 109 2.82 -4.55 11.07
CA TYR A 109 3.91 -4.60 12.01
C TYR A 109 3.80 -5.92 12.80
N PRO A 110 4.91 -6.43 13.30
CA PRO A 110 4.85 -7.62 14.16
C PRO A 110 3.96 -7.42 15.40
N PRO A 111 3.42 -8.53 15.96
CA PRO A 111 2.65 -8.45 17.20
C PRO A 111 3.38 -7.64 18.27
N ASP A 112 2.61 -6.77 18.94
CA ASP A 112 3.11 -5.90 20.03
C ASP A 112 4.04 -4.79 19.57
N VAL A 113 4.22 -4.62 18.26
CA VAL A 113 5.03 -3.55 17.67
C VAL A 113 4.02 -2.69 16.91
N ASN A 114 4.37 -1.44 16.67
CA ASN A 114 3.47 -0.52 15.94
C ASN A 114 4.24 0.57 15.23
N ASP A 115 3.55 1.23 14.30
CA ASP A 115 4.08 2.45 13.73
C ASP A 115 4.25 3.46 14.88
N GLU A 116 5.11 4.42 14.67
CA GLU A 116 5.50 5.35 15.72
C GLU A 116 4.36 6.32 16.11
N ASN A 117 3.29 6.37 15.31
CA ASN A 117 2.13 7.21 15.62
C ASN A 117 0.88 6.41 15.92
N GLY A 118 1.01 5.11 16.18
CA GLY A 118 -0.16 4.25 16.34
C GLY A 118 0.00 3.21 17.42
N GLU A 119 -0.87 2.21 17.35
CA GLU A 119 -0.91 1.09 18.30
C GLU A 119 -0.80 -0.21 17.48
N PRO A 120 -0.50 -1.34 18.13
CA PRO A 120 -0.33 -2.60 17.38
C PRO A 120 -1.58 -2.99 16.62
N THR A 121 -1.38 -3.56 15.44
CA THR A 121 -2.50 -3.92 14.56
C THR A 121 -2.56 -5.41 14.19
N ASP A 122 -1.54 -6.20 14.52
CA ASP A 122 -1.55 -7.64 14.15
C ASP A 122 -2.76 -8.38 14.71
N ASN A 123 -3.20 -7.95 15.90
CA ASN A 123 -4.39 -8.50 16.58
C ASN A 123 -5.70 -8.40 15.80
N LEU A 124 -5.75 -7.49 14.84
CA LEU A 124 -6.89 -7.28 13.98
C LEU A 124 -6.90 -8.13 12.70
N VAL A 125 -5.79 -8.77 12.37
CA VAL A 125 -5.68 -9.55 11.12
C VAL A 125 -6.75 -10.64 10.97
N PRO A 126 -6.97 -11.45 12.02
CA PRO A 126 -8.04 -12.48 11.89
C PRO A 126 -9.38 -11.92 11.46
N THR A 127 -9.73 -10.75 11.98
CA THR A 127 -10.99 -10.12 11.67
C THR A 127 -11.02 -9.65 10.23
N ILE A 128 -9.94 -9.03 9.80
CA ILE A 128 -9.85 -8.54 8.41
C ILE A 128 -9.96 -9.72 7.40
N LEU A 129 -9.23 -10.79 7.67
CA LEU A 129 -9.35 -12.04 6.88
C LEU A 129 -10.79 -12.56 6.76
N ASP A 130 -11.50 -12.66 7.89
CA ASP A 130 -12.90 -13.13 7.88
C ASP A 130 -13.78 -12.28 7.02
N LYS A 131 -13.66 -10.95 7.12
CA LYS A 131 -14.49 -10.04 6.34
C LYS A 131 -14.12 -10.07 4.86
N ALA A 132 -12.82 -10.10 4.57
CA ALA A 132 -12.36 -10.28 3.19
C ALA A 132 -12.98 -11.54 2.54
N HIS A 133 -12.91 -12.65 3.26
CA HIS A 133 -13.51 -13.93 2.79
C HIS A 133 -14.98 -13.76 2.46
N LYS A 134 -15.71 -13.04 3.31
CA LYS A 134 -17.13 -12.76 3.07
C LYS A 134 -17.38 -12.13 1.71
N TYR A 135 -16.44 -11.31 1.23
CA TYR A 135 -16.59 -10.61 -0.06
C TYR A 135 -15.71 -11.20 -1.18
N ASN A 136 -15.21 -12.41 -0.96
CA ASN A 136 -14.30 -13.09 -1.90
C ASN A 136 -13.01 -12.30 -2.19
N LEU A 137 -12.52 -11.57 -1.19
CA LEU A 137 -11.29 -10.79 -1.32
C LEU A 137 -10.17 -11.55 -0.66
N LYS A 138 -8.95 -11.21 -1.09
CA LYS A 138 -7.75 -11.79 -0.55
C LYS A 138 -6.88 -10.73 0.18
N VAL A 139 -6.09 -11.20 1.13
CA VAL A 139 -5.28 -10.36 1.97
C VAL A 139 -3.83 -10.79 1.81
N THR A 140 -3.01 -9.86 1.33
CA THR A 140 -1.57 -10.02 1.40
C THR A 140 -0.95 -8.98 2.37
N PHE A 141 0.38 -9.03 2.53
CA PHE A 141 1.06 -8.33 3.59
C PHE A 141 2.11 -7.29 3.10
N HIS A 142 2.01 -6.10 3.67
CA HIS A 142 2.87 -4.97 3.35
C HIS A 142 3.70 -4.72 4.60
N ILE A 143 4.91 -5.28 4.59
CA ILE A 143 5.76 -5.32 5.77
C ILE A 143 6.46 -3.98 6.01
N GLU A 144 6.11 -3.33 7.11
CA GLU A 144 6.58 -1.99 7.40
C GLU A 144 7.98 -2.04 8.01
N PRO A 145 8.69 -0.90 8.05
CA PRO A 145 10.08 -0.89 8.54
C PRO A 145 10.12 -0.70 10.04
N TYR A 146 9.85 -1.79 10.74
CA TYR A 146 9.96 -1.83 12.20
C TYR A 146 11.45 -1.75 12.59
N SER A 147 11.75 -1.21 13.76
CA SER A 147 13.15 -0.97 14.16
C SER A 147 13.89 -2.30 14.30
N ASN A 148 15.10 -2.33 13.76
CA ASN A 148 15.97 -3.52 13.74
C ASN A 148 15.45 -4.66 12.86
N ARG A 149 14.52 -4.37 11.96
CA ARG A 149 14.14 -5.32 10.94
C ARG A 149 15.40 -5.75 10.19
N ASP A 150 15.62 -7.05 10.11
CA ASP A 150 16.78 -7.60 9.42
C ASP A 150 16.40 -8.98 8.91
N ASP A 151 17.36 -9.69 8.36
CA ASP A 151 17.13 -11.04 7.85
C ASP A 151 16.65 -12.05 8.91
N GLN A 152 17.19 -11.95 10.12
CA GLN A 152 16.83 -12.87 11.22
C GLN A 152 15.38 -12.73 11.65
N ASN A 153 14.99 -11.53 12.03
CA ASN A 153 13.61 -11.34 12.49
C ASN A 153 12.59 -11.36 11.31
N MET A 154 13.02 -11.07 10.09
CA MET A 154 12.13 -11.24 8.92
C MET A 154 11.81 -12.72 8.68
N TYR A 155 12.82 -13.57 8.88
CA TYR A 155 12.60 -15.02 8.85
C TYR A 155 11.48 -15.40 9.81
N LYS A 156 11.62 -14.98 11.05
CA LYS A 156 10.62 -15.24 12.09
C LYS A 156 9.23 -14.67 11.77
N ASN A 157 9.18 -13.46 11.20
CA ASN A 157 7.91 -12.83 10.85
C ASN A 157 7.23 -13.46 9.67
N VAL A 158 8.00 -13.85 8.66
CA VAL A 158 7.47 -14.64 7.53
C VAL A 158 6.86 -15.95 7.99
N LYS A 159 7.61 -16.69 8.81
CA LYS A 159 7.15 -17.92 9.44
C LYS A 159 5.87 -17.69 10.21
N TYR A 160 5.90 -16.65 11.04
CA TYR A 160 4.72 -16.27 11.84
C TYR A 160 3.49 -16.02 10.97
N ILE A 161 3.64 -15.24 9.92
CA ILE A 161 2.51 -14.90 9.07
C ILE A 161 1.93 -16.13 8.38
N ILE A 162 2.80 -16.93 7.79
CA ILE A 162 2.40 -18.16 7.08
C ILE A 162 1.76 -19.21 8.00
N ASP A 163 2.37 -19.48 9.15
CA ASP A 163 1.78 -20.46 10.11
C ASP A 163 0.41 -20.00 10.60
N LYS A 164 0.30 -18.71 10.97
CA LYS A 164 -0.92 -18.21 11.56
C LYS A 164 -2.05 -17.97 10.58
N TYR A 165 -1.77 -17.28 9.48
CA TYR A 165 -2.82 -16.88 8.55
C TYR A 165 -2.86 -17.65 7.25
N GLY A 166 -1.79 -18.38 6.93
CA GLY A 166 -1.67 -19.19 5.70
C GLY A 166 -2.77 -20.19 5.39
N ASN A 167 -3.44 -20.72 6.39
CA ASN A 167 -4.56 -21.65 6.16
C ASN A 167 -5.90 -20.95 6.03
N HIS A 168 -5.98 -19.64 6.21
CA HIS A 168 -7.26 -18.94 6.09
C HIS A 168 -7.60 -18.89 4.62
N PRO A 169 -8.87 -19.13 4.25
CA PRO A 169 -9.22 -19.12 2.82
C PRO A 169 -9.07 -17.75 2.08
N ALA A 170 -8.98 -16.65 2.83
CA ALA A 170 -8.77 -15.31 2.26
C ALA A 170 -7.29 -14.90 2.26
N PHE A 171 -6.39 -15.77 2.75
CA PHE A 171 -4.94 -15.50 2.67
C PHE A 171 -4.57 -15.51 1.20
N TYR A 172 -3.93 -14.42 0.75
CA TYR A 172 -3.59 -14.28 -0.65
C TYR A 172 -2.43 -15.19 -1.05
N ARG A 173 -2.57 -15.84 -2.19
CA ARG A 173 -1.43 -16.52 -2.83
C ARG A 173 -1.46 -16.21 -4.32
N TYR A 174 -0.30 -15.88 -4.86
CA TYR A 174 -0.17 -15.71 -6.31
C TYR A 174 -0.26 -17.13 -6.87
N LYS A 175 -1.31 -17.40 -7.65
CA LYS A 175 -1.55 -18.72 -8.20
C LYS A 175 -0.97 -18.76 -9.59
N THR A 176 0.15 -19.46 -9.74
CA THR A 176 0.78 -19.70 -11.04
CA THR A 176 0.73 -19.65 -11.06
C THR A 176 -0.10 -20.66 -11.84
N LYS A 177 -0.03 -20.59 -13.17
CA LYS A 177 -0.79 -21.52 -14.04
C LYS A 177 -0.40 -22.98 -13.85
N THR A 178 0.83 -23.20 -13.41
CA THR A 178 1.30 -24.52 -13.02
C THR A 178 0.58 -25.10 -11.76
N GLY A 179 -0.15 -24.26 -11.02
CA GLY A 179 -0.90 -24.67 -9.84
C GLY A 179 -0.13 -24.53 -8.53
N ASN A 180 1.11 -24.04 -8.57
CA ASN A 180 1.78 -23.56 -7.36
C ASN A 180 1.08 -22.27 -6.89
N ALA A 181 1.12 -22.02 -5.57
CA ALA A 181 0.41 -20.89 -4.97
C ALA A 181 1.32 -20.30 -3.90
N LEU A 182 1.84 -19.11 -4.16
CA LEU A 182 2.89 -18.56 -3.32
C LEU A 182 2.38 -17.33 -2.55
N PRO A 183 2.65 -17.25 -1.24
CA PRO A 183 2.47 -16.00 -0.47
C PRO A 183 3.26 -14.84 -1.10
N MET A 184 2.72 -13.64 -0.97
CA MET A 184 3.44 -12.43 -1.36
C MET A 184 3.74 -11.53 -0.12
N PHE A 185 4.87 -10.85 -0.15
CA PHE A 185 5.24 -9.89 0.87
C PHE A 185 5.82 -8.66 0.15
N TYR A 186 5.13 -7.52 0.28
CA TYR A 186 5.71 -6.21 -0.11
C TYR A 186 6.52 -5.74 1.07
N VAL A 187 7.77 -5.33 0.80
CA VAL A 187 8.68 -4.88 1.85
C VAL A 187 8.95 -3.39 1.72
N TYR A 188 8.25 -2.60 2.52
CA TYR A 188 8.42 -1.15 2.48
C TYR A 188 9.79 -0.70 3.01
N ASP A 189 10.43 0.17 2.24
CA ASP A 189 11.76 0.70 2.55
C ASP A 189 12.79 -0.42 2.78
N SER A 190 12.67 -1.44 1.95
CA SER A 190 13.56 -2.61 1.97
C SER A 190 15.01 -2.21 1.79
N TYR A 191 15.24 -1.12 1.07
CA TYR A 191 16.59 -0.56 0.93
C TYR A 191 17.33 -0.21 2.25
N ILE A 192 16.63 -0.03 3.36
CA ILE A 192 17.24 0.20 4.69
C ILE A 192 18.16 -0.96 5.15
N THR A 193 17.84 -2.18 4.74
CA THR A 193 18.65 -3.34 5.06
C THR A 193 19.57 -3.64 3.89
N LYS A 194 20.85 -3.88 4.19
CA LYS A 194 21.88 -4.16 3.18
C LYS A 194 21.57 -5.39 2.32
N PRO A 195 21.94 -5.39 1.03
CA PRO A 195 21.66 -6.58 0.19
C PRO A 195 22.28 -7.87 0.71
N GLU A 196 23.45 -7.77 1.32
CA GLU A 196 24.12 -8.95 1.91
C GLU A 196 23.27 -9.58 3.03
N LYS A 197 22.53 -8.75 3.78
CA LYS A 197 21.61 -9.26 4.79
CA LYS A 197 21.61 -9.27 4.78
C LYS A 197 20.37 -9.91 4.15
N TRP A 198 19.76 -9.23 3.19
CA TRP A 198 18.63 -9.82 2.46
C TRP A 198 18.98 -11.17 1.83
N ALA A 199 20.15 -11.23 1.18
CA ALA A 199 20.66 -12.47 0.53
C ALA A 199 20.72 -13.69 1.46
N ASN A 200 20.91 -13.47 2.76
CA ASN A 200 20.85 -14.55 3.78
C ASN A 200 19.49 -15.24 3.80
N LEU A 201 18.42 -14.46 3.62
CA LEU A 201 17.05 -14.95 3.63
C LEU A 201 16.54 -15.37 2.26
N LEU A 202 16.93 -14.66 1.21
CA LEU A 202 16.23 -14.67 -0.08
C LEU A 202 16.98 -15.33 -1.25
N THR A 203 18.25 -15.66 -1.07
CA THR A 203 18.97 -16.46 -2.11
C THR A 203 18.95 -17.95 -1.75
N THR A 204 19.09 -18.81 -2.75
CA THR A 204 18.91 -20.27 -2.54
C THR A 204 19.87 -20.80 -1.47
N SER A 205 21.11 -20.33 -1.48
CA SER A 205 22.11 -20.87 -0.59
C SER A 205 22.48 -19.88 0.50
N GLY A 206 21.58 -18.94 0.83
CA GLY A 206 21.80 -18.03 1.94
C GLY A 206 21.72 -18.79 3.25
N SER A 207 22.45 -18.34 4.27
CA SER A 207 22.53 -19.04 5.57
C SER A 207 21.20 -19.30 6.27
N ARG A 208 20.19 -18.48 6.01
CA ARG A 208 18.86 -18.70 6.61
C ARG A 208 17.77 -18.63 5.53
N SER A 209 18.05 -19.29 4.41
CA SER A 209 17.21 -19.20 3.25
C SER A 209 15.82 -19.79 3.49
N ILE A 210 14.79 -19.09 3.02
CA ILE A 210 13.44 -19.62 2.97
C ILE A 210 13.14 -20.20 1.60
N ARG A 211 14.08 -20.09 0.65
CA ARG A 211 13.85 -20.61 -0.67
C ARG A 211 13.73 -22.13 -0.61
N ASN A 212 12.72 -22.65 -1.30
CA ASN A 212 12.40 -24.08 -1.35
C ASN A 212 11.92 -24.68 -0.03
N SER A 213 11.58 -23.84 0.95
CA SER A 213 11.05 -24.30 2.23
C SER A 213 9.53 -24.18 2.16
N PRO A 214 8.82 -24.72 3.15
CA PRO A 214 7.38 -24.47 3.14
C PRO A 214 7.02 -22.99 3.36
N TYR A 215 8.01 -22.17 3.75
CA TYR A 215 7.83 -20.74 3.98
C TYR A 215 8.30 -19.82 2.84
N ASP A 216 8.39 -20.37 1.62
CA ASP A 216 8.84 -19.62 0.45
C ASP A 216 7.70 -18.70 0.01
N GLY A 217 8.07 -17.66 -0.73
CA GLY A 217 7.08 -16.76 -1.30
C GLY A 217 7.71 -15.79 -2.25
N LEU A 218 6.92 -14.82 -2.70
CA LEU A 218 7.36 -13.73 -3.59
C LEU A 218 7.53 -12.47 -2.75
N PHE A 219 8.77 -12.02 -2.64
CA PHE A 219 9.12 -10.85 -1.86
C PHE A 219 9.36 -9.71 -2.87
N ILE A 220 8.58 -8.63 -2.72
CA ILE A 220 8.64 -7.47 -3.60
C ILE A 220 9.37 -6.35 -2.89
N ALA A 221 10.42 -5.84 -3.52
CA ALA A 221 11.22 -4.76 -2.93
C ALA A 221 10.74 -3.42 -3.42
N LEU A 222 10.87 -2.42 -2.55
CA LEU A 222 10.60 -1.03 -2.91
C LEU A 222 11.79 -0.45 -3.64
N LEU A 223 11.61 -0.07 -4.90
CA LEU A 223 12.63 0.67 -5.61
C LEU A 223 12.37 2.19 -5.50
N VAL A 224 13.34 2.93 -4.98
CA VAL A 224 13.24 4.39 -4.83
C VAL A 224 14.10 5.04 -5.91
N GLU A 225 15.38 4.79 -5.82
CA GLU A 225 16.38 5.29 -6.76
C GLU A 225 16.67 4.24 -7.85
N GLU A 226 17.06 4.69 -9.04
CA GLU A 226 17.44 3.77 -10.11
C GLU A 226 18.47 2.74 -9.68
N LYS A 227 19.48 3.17 -8.94
CA LYS A 227 20.59 2.30 -8.44
C LYS A 227 20.10 1.11 -7.58
N HIS A 228 18.93 1.25 -6.97
CA HIS A 228 18.33 0.16 -6.19
C HIS A 228 18.04 -1.10 -7.00
N LYS A 229 17.84 -0.95 -8.30
CA LYS A 229 17.71 -2.07 -9.23
C LYS A 229 18.77 -3.14 -8.95
N TYR A 230 20.00 -2.68 -8.85
CA TYR A 230 21.17 -3.57 -8.71
C TYR A 230 21.19 -4.19 -7.34
N ASP A 231 20.90 -3.41 -6.32
CA ASP A 231 20.78 -3.90 -4.94
C ASP A 231 19.73 -4.98 -4.83
N ILE A 232 18.61 -4.74 -5.51
CA ILE A 232 17.48 -5.67 -5.49
C ILE A 232 17.86 -7.06 -6.10
N LEU A 233 18.60 -7.06 -7.21
CA LEU A 233 19.16 -8.30 -7.79
C LEU A 233 20.05 -9.05 -6.81
N GLN A 234 20.96 -8.32 -6.19
CA GLN A 234 21.92 -8.88 -5.24
C GLN A 234 21.22 -9.47 -3.98
N SER A 235 20.08 -8.88 -3.60
CA SER A 235 19.34 -9.28 -2.39
C SER A 235 18.55 -10.58 -2.58
N GLY A 236 18.14 -10.86 -3.81
CA GLY A 236 17.33 -12.06 -4.10
C GLY A 236 15.83 -11.86 -4.10
N PHE A 237 15.37 -10.60 -4.13
CA PHE A 237 13.93 -10.29 -4.26
C PHE A 237 13.34 -10.81 -5.57
N ASP A 238 12.05 -11.09 -5.54
CA ASP A 238 11.32 -11.61 -6.68
C ASP A 238 10.66 -10.54 -7.54
N GLY A 239 10.59 -9.33 -7.02
CA GLY A 239 9.82 -8.28 -7.70
C GLY A 239 10.14 -6.89 -7.19
N ILE A 240 9.66 -5.90 -7.92
CA ILE A 240 9.78 -4.50 -7.50
CA ILE A 240 9.81 -4.48 -7.59
C ILE A 240 8.44 -3.79 -7.59
N TYR A 241 8.22 -2.90 -6.61
CA TYR A 241 7.11 -1.98 -6.59
C TYR A 241 7.65 -0.59 -6.25
N THR A 242 6.82 0.42 -6.52
CA THR A 242 7.28 1.83 -6.48
C THR A 242 6.63 2.72 -5.43
N TYR A 243 5.49 2.26 -4.91
CA TYR A 243 4.62 2.84 -3.86
C TYR A 243 4.09 4.28 -4.08
N PHE A 244 4.98 5.26 -4.19
CA PHE A 244 4.62 6.68 -3.99
C PHE A 244 3.69 7.19 -5.08
N ALA A 245 2.63 7.88 -4.66
CA ALA A 245 1.63 8.37 -5.56
C ALA A 245 2.06 9.61 -6.32
N THR A 246 3.06 10.33 -5.82
CA THR A 246 3.54 11.55 -6.45
C THR A 246 4.49 11.28 -7.63
N ASN A 247 4.02 11.60 -8.84
CA ASN A 247 4.85 11.60 -10.05
C ASN A 247 5.96 12.63 -9.88
N GLY A 248 7.20 12.17 -10.01
CA GLY A 248 8.39 13.04 -9.88
C GLY A 248 9.05 13.02 -8.52
N PHE A 249 8.45 12.40 -7.51
CA PHE A 249 9.07 12.33 -6.17
C PHE A 249 10.32 11.43 -6.15
N THR A 250 10.21 10.26 -6.77
CA THR A 250 11.35 9.34 -6.91
C THR A 250 11.43 8.83 -8.35
N TYR A 251 12.58 8.24 -8.68
CA TYR A 251 12.79 7.62 -9.98
C TYR A 251 11.67 6.59 -10.21
N GLY A 252 11.42 5.75 -9.19
CA GLY A 252 10.40 4.74 -9.27
C GLY A 252 8.98 5.26 -9.42
N SER A 253 8.67 6.40 -8.78
CA SER A 253 7.31 6.92 -8.79
C SER A 253 7.00 7.80 -9.99
N SER A 254 7.96 7.98 -10.88
CA SER A 254 7.77 8.79 -12.05
C SER A 254 7.44 7.85 -13.19
N HIS A 255 6.23 7.98 -13.72
CA HIS A 255 5.74 7.00 -14.67
C HIS A 255 6.46 7.01 -16.03
N GLN A 256 7.20 8.07 -16.33
CA GLN A 256 8.11 8.10 -17.48
C GLN A 256 9.18 6.99 -17.41
N ASN A 257 9.54 6.55 -16.21
CA ASN A 257 10.54 5.50 -16.01
C ASN A 257 9.95 4.09 -15.96
N TRP A 258 8.65 3.93 -16.07
CA TRP A 258 8.03 2.61 -15.90
C TRP A 258 8.30 1.64 -17.06
N ALA A 259 8.41 2.16 -18.28
CA ALA A 259 8.84 1.35 -19.43
C ALA A 259 10.20 0.73 -19.19
N SER A 260 11.16 1.51 -18.69
CA SER A 260 12.50 1.01 -18.39
CA SER A 260 12.50 1.01 -18.40
C SER A 260 12.50 -0.04 -17.28
N LEU A 261 11.84 0.29 -16.17
CA LEU A 261 11.72 -0.70 -15.09
C LEU A 261 11.10 -2.01 -15.57
N LYS A 262 10.07 -1.92 -16.43
CA LYS A 262 9.41 -3.09 -16.97
C LYS A 262 10.40 -3.93 -17.78
N LEU A 263 11.17 -3.27 -18.65
CA LEU A 263 12.19 -3.94 -19.45
CA LEU A 263 12.20 -3.95 -19.44
C LEU A 263 13.25 -4.65 -18.58
N PHE A 264 13.69 -3.96 -17.53
CA PHE A 264 14.68 -4.49 -16.57
C PHE A 264 14.14 -5.72 -15.85
N CYS A 265 12.92 -5.58 -15.39
CA CYS A 265 12.24 -6.66 -14.69
C CYS A 265 12.05 -7.85 -15.62
N ASP A 266 11.62 -7.60 -16.84
CA ASP A 266 11.54 -8.68 -17.84
C ASP A 266 12.88 -9.47 -18.04
N LYS A 267 13.98 -8.75 -18.25
CA LYS A 267 15.33 -9.31 -18.48
C LYS A 267 15.73 -10.21 -17.29
N TYR A 268 15.40 -9.76 -16.08
CA TYR A 268 15.87 -10.40 -14.85
C TYR A 268 14.81 -11.27 -14.18
N ASN A 269 13.71 -11.53 -14.87
CA ASN A 269 12.61 -12.40 -14.38
C ASN A 269 12.01 -11.93 -13.04
N LEU A 270 11.92 -10.61 -12.86
CA LEU A 270 11.31 -9.97 -11.69
C LEU A 270 9.88 -9.60 -12.01
N ILE A 271 9.00 -9.67 -11.00
CA ILE A 271 7.64 -9.20 -11.15
C ILE A 271 7.65 -7.67 -11.00
N PHE A 272 7.25 -6.94 -12.05
CA PHE A 272 7.10 -5.48 -11.97
C PHE A 272 5.68 -5.10 -11.52
N ILE A 273 5.59 -4.43 -10.38
CA ILE A 273 4.34 -3.96 -9.82
C ILE A 273 4.35 -2.44 -9.67
N PRO A 274 4.04 -1.70 -10.75
CA PRO A 274 3.93 -0.26 -10.60
C PRO A 274 2.80 0.15 -9.63
N SER A 275 3.02 1.24 -8.86
CA SER A 275 2.00 1.74 -7.93
C SER A 275 1.40 3.04 -8.43
N VAL A 276 0.09 3.05 -8.54
CA VAL A 276 -0.61 4.19 -9.13
C VAL A 276 -1.44 4.82 -8.02
N GLY A 277 -1.43 6.15 -7.96
CA GLY A 277 -2.26 6.85 -6.98
C GLY A 277 -3.12 7.93 -7.62
N PRO A 278 -4.18 8.38 -6.91
CA PRO A 278 -5.12 9.40 -7.45
C PRO A 278 -4.68 10.84 -7.27
N GLY A 279 -3.65 11.05 -6.48
CA GLY A 279 -3.14 12.37 -6.12
C GLY A 279 -2.27 12.21 -4.88
N TYR A 280 -1.86 13.33 -4.30
CA TYR A 280 -1.13 13.32 -3.03
C TYR A 280 -1.25 14.66 -2.34
N ILE A 281 -1.48 14.62 -1.04
CA ILE A 281 -1.33 15.80 -0.21
C ILE A 281 -1.22 15.38 1.26
N ASP A 282 -0.08 15.68 1.89
CA ASP A 282 0.18 15.26 3.26
C ASP A 282 0.39 16.45 4.21
N THR A 283 0.02 17.63 3.77
CA THR A 283 0.42 18.84 4.46
C THR A 283 -0.31 19.13 5.79
N SER A 284 -1.38 18.39 6.08
CA SER A 284 -1.93 18.36 7.45
C SER A 284 -0.95 17.80 8.50
N ILE A 285 -0.05 16.90 8.08
CA ILE A 285 0.99 16.30 8.95
C ILE A 285 2.41 16.59 8.54
N ARG A 286 2.65 16.94 7.28
CA ARG A 286 3.96 17.34 6.81
C ARG A 286 3.83 18.69 6.07
N PRO A 287 3.64 19.79 6.83
CA PRO A 287 3.28 21.08 6.18
C PRO A 287 4.41 21.66 5.33
N TRP A 288 5.63 21.23 5.60
CA TRP A 288 6.79 21.51 4.75
C TRP A 288 6.84 20.78 3.39
N ASN A 289 6.00 19.76 3.17
CA ASN A 289 6.12 18.89 2.00
C ASN A 289 5.21 19.28 0.83
N THR A 290 4.98 20.59 0.62
CA THR A 290 4.11 21.05 -0.47
C THR A 290 4.63 20.75 -1.87
N GLN A 291 5.94 20.52 -2.02
CA GLN A 291 6.53 20.15 -3.33
C GLN A 291 5.95 18.86 -3.92
N ASN A 292 5.51 17.96 -3.07
CA ASN A 292 4.97 16.65 -3.51
C ASN A 292 3.45 16.58 -3.59
N THR A 293 2.78 17.72 -3.36
CA THR A 293 1.33 17.81 -3.51
C THR A 293 0.97 17.67 -4.97
N ARG A 294 -0.02 16.85 -5.26
CA ARG A 294 -0.56 16.71 -6.60
C ARG A 294 -2.07 16.81 -6.56
N ASN A 295 -2.60 17.77 -7.30
CA ASN A 295 -4.06 17.95 -7.43
C ASN A 295 -4.66 16.73 -8.16
N ARG A 296 -5.81 16.25 -7.71
CA ARG A 296 -6.48 15.12 -8.38
C ARG A 296 -7.06 15.39 -9.76
N ILE A 297 -7.29 16.68 -10.09
CA ILE A 297 -7.83 17.13 -11.39
C ILE A 297 -9.11 16.37 -11.72
N ASN A 298 -10.00 16.26 -10.73
CA ASN A 298 -11.27 15.54 -10.87
C ASN A 298 -11.17 14.12 -11.45
N GLY A 299 -10.15 13.36 -11.04
CA GLY A 299 -9.93 12.01 -11.50
C GLY A 299 -8.93 11.80 -12.61
N LYS A 300 -8.55 12.86 -13.31
CA LYS A 300 -7.65 12.75 -14.44
C LYS A 300 -6.21 12.36 -14.04
N TYR A 301 -5.68 12.88 -12.94
CA TYR A 301 -4.37 12.41 -12.44
C TYR A 301 -4.34 10.88 -12.32
N TYR A 302 -5.34 10.32 -11.64
CA TYR A 302 -5.48 8.88 -11.49
C TYR A 302 -5.55 8.15 -12.82
N GLU A 303 -6.37 8.69 -13.74
CA GLU A 303 -6.52 8.04 -15.06
C GLU A 303 -5.23 8.03 -15.88
N ILE A 304 -4.45 9.10 -15.82
CA ILE A 304 -3.11 9.17 -16.44
C ILE A 304 -2.18 8.10 -15.84
N GLY A 305 -2.18 7.98 -14.51
CA GLY A 305 -1.41 6.92 -13.82
C GLY A 305 -1.81 5.53 -14.27
N LEU A 306 -3.12 5.27 -14.32
CA LEU A 306 -3.65 3.95 -14.65
C LEU A 306 -3.29 3.60 -16.09
N SER A 307 -3.45 4.57 -16.99
CA SER A 307 -3.07 4.38 -18.36
C SER A 307 -1.58 4.06 -18.50
N ALA A 308 -0.72 4.85 -17.86
CA ALA A 308 0.74 4.63 -17.94
C ALA A 308 1.11 3.24 -17.43
N ALA A 309 0.46 2.78 -16.36
CA ALA A 309 0.67 1.44 -15.85
C ALA A 309 0.22 0.35 -16.85
N LEU A 310 -0.94 0.53 -17.45
CA LEU A 310 -1.51 -0.47 -18.38
C LEU A 310 -0.62 -0.65 -19.58
N GLN A 311 -0.09 0.46 -20.06
CA GLN A 311 0.82 0.51 -21.22
C GLN A 311 2.12 -0.31 -21.08
N THR A 312 2.59 -0.53 -19.85
CA THR A 312 3.79 -1.36 -19.62
C THR A 312 3.47 -2.87 -19.62
N ARG A 313 2.17 -3.22 -19.64
CA ARG A 313 1.71 -4.60 -19.65
C ARG A 313 2.23 -5.35 -18.41
N PRO A 314 1.92 -4.85 -17.21
CA PRO A 314 2.56 -5.39 -16.02
C PRO A 314 1.86 -6.65 -15.54
N SER A 315 2.58 -7.49 -14.79
CA SER A 315 2.00 -8.71 -14.24
C SER A 315 1.00 -8.44 -13.14
N LEU A 316 1.22 -7.35 -12.39
CA LEU A 316 0.30 -6.85 -11.38
C LEU A 316 0.34 -5.34 -11.38
N ILE A 317 -0.72 -4.74 -10.89
CA ILE A 317 -0.74 -3.30 -10.60
C ILE A 317 -1.14 -3.12 -9.12
N SER A 318 -0.48 -2.19 -8.45
CA SER A 318 -0.81 -1.83 -7.08
C SER A 318 -1.37 -0.39 -7.05
N ILE A 319 -2.26 -0.12 -6.09
CA ILE A 319 -2.93 1.16 -5.94
C ILE A 319 -2.57 1.75 -4.60
N THR A 320 -2.01 2.95 -4.65
CA THR A 320 -1.63 3.68 -3.47
C THR A 320 -2.62 4.85 -3.37
N SER A 321 -3.65 4.77 -2.53
CA SER A 321 -3.92 3.73 -1.56
C SER A 321 -5.42 3.55 -1.36
N PHE A 322 -5.83 2.59 -0.53
CA PHE A 322 -7.23 2.53 -0.19
C PHE A 322 -7.54 3.67 0.77
N ASN A 323 -6.72 3.80 1.82
CA ASN A 323 -7.02 4.65 2.96
C ASN A 323 -5.78 5.13 3.72
N GLU A 324 -4.78 5.60 2.99
CA GLU A 324 -3.72 6.41 3.64
C GLU A 324 -4.23 7.89 3.60
N TRP A 325 -5.02 8.22 4.61
CA TRP A 325 -5.72 9.50 4.67
C TRP A 325 -4.78 10.66 5.00
N HIS A 326 -3.68 10.36 5.69
CA HIS A 326 -2.66 11.39 6.02
C HIS A 326 -2.02 11.94 4.77
N GLU A 327 -1.80 11.06 3.80
CA GLU A 327 -1.08 11.41 2.57
C GLU A 327 -1.96 11.75 1.40
N GLY A 328 -3.28 11.72 1.60
CA GLY A 328 -4.25 12.12 0.61
C GLY A 328 -4.24 11.30 -0.66
N THR A 329 -3.92 10.03 -0.53
CA THR A 329 -3.84 9.11 -1.66
C THR A 329 -5.01 8.14 -1.67
N GLN A 330 -5.91 8.27 -0.70
CA GLN A 330 -7.02 7.35 -0.53
C GLN A 330 -7.98 7.34 -1.73
N ILE A 331 -8.48 6.16 -2.10
CA ILE A 331 -9.62 6.04 -3.04
C ILE A 331 -10.93 5.75 -2.27
N GLU A 332 -10.82 5.48 -0.97
CA GLU A 332 -11.98 5.31 -0.09
C GLU A 332 -12.90 6.54 -0.22
N LYS A 333 -14.18 6.32 0.01
CA LYS A 333 -15.16 7.38 -0.12
C LYS A 333 -14.88 8.53 0.86
N ALA A 334 -14.80 9.74 0.29
CA ALA A 334 -14.60 10.99 1.03
C ALA A 334 -15.79 11.93 0.76
N VAL A 335 -16.07 12.80 1.73
CA VAL A 335 -17.17 13.75 1.67
C VAL A 335 -16.75 15.19 1.96
N PRO A 336 -17.55 16.16 1.44
CA PRO A 336 -17.30 17.55 1.79
C PRO A 336 -17.39 17.78 3.28
N LYS A 337 -16.54 18.66 3.77
CA LYS A 337 -16.62 19.05 5.16
C LYS A 337 -15.98 20.43 5.35
N ARG A 338 -16.68 21.27 6.10
CA ARG A 338 -16.17 22.60 6.44
C ARG A 338 -16.33 22.79 7.92
N THR A 339 -15.31 23.33 8.55
CA THR A 339 -15.37 23.67 9.97
C THR A 339 -15.18 25.19 10.07
N SER A 340 -15.08 25.66 11.30
CA SER A 340 -14.86 27.09 11.62
C SER A 340 -13.59 27.66 11.02
N ASN A 341 -12.57 26.83 10.77
CA ASN A 341 -11.34 27.34 10.15
C ASN A 341 -10.77 26.52 8.97
N THR A 342 -11.50 25.49 8.51
CA THR A 342 -10.97 24.56 7.51
C THR A 342 -12.03 24.24 6.49
N VAL A 343 -11.66 24.26 5.21
CA VAL A 343 -12.43 23.66 4.16
C VAL A 343 -11.64 22.44 3.68
N TYR A 344 -12.14 21.26 4.00
CA TYR A 344 -11.46 20.02 3.56
C TYR A 344 -11.53 19.90 2.04
N LEU A 345 -10.52 19.23 1.49
CA LEU A 345 -10.60 18.79 0.11
C LEU A 345 -11.64 17.70 0.00
N ASP A 346 -12.20 17.54 -1.19
CA ASP A 346 -13.21 16.52 -1.50
C ASP A 346 -13.20 16.12 -2.99
N TYR A 347 -14.14 15.28 -3.39
CA TYR A 347 -14.22 14.84 -4.77
C TYR A 347 -15.30 15.61 -5.60
N ARG A 348 -15.83 16.73 -5.09
CA ARG A 348 -16.83 17.50 -5.84
C ARG A 348 -16.14 17.95 -7.14
N PRO A 349 -16.87 18.04 -8.26
CA PRO A 349 -18.32 17.89 -8.36
C PRO A 349 -18.84 16.43 -8.44
N HIS A 350 -17.95 15.44 -8.27
CA HIS A 350 -18.31 14.05 -8.40
C HIS A 350 -18.75 13.54 -7.07
N LYS A 351 -19.20 12.29 -7.06
CA LYS A 351 -19.70 11.61 -5.87
C LYS A 351 -18.54 11.13 -5.00
N PRO A 352 -18.83 10.76 -3.74
CA PRO A 352 -17.82 10.16 -2.88
C PRO A 352 -17.18 8.86 -3.44
N GLY A 353 -17.95 8.06 -4.17
CA GLY A 353 -17.40 6.88 -4.87
C GLY A 353 -16.65 7.11 -6.18
N LEU A 354 -16.26 8.33 -6.49
CA LEU A 354 -15.64 8.62 -7.80
C LEU A 354 -14.45 7.69 -8.11
N TYR A 355 -13.54 7.55 -7.13
CA TYR A 355 -12.31 6.81 -7.34
C TYR A 355 -12.54 5.30 -7.40
N LEU A 356 -13.59 4.84 -6.71
CA LEU A 356 -14.04 3.47 -6.82
C LEU A 356 -14.59 3.15 -8.22
N GLU A 357 -15.40 4.06 -8.75
CA GLU A 357 -15.92 3.97 -10.12
C GLU A 357 -14.81 3.99 -11.18
N LEU A 358 -13.87 4.94 -11.02
CA LEU A 358 -12.73 5.02 -11.94
C LEU A 358 -11.82 3.78 -11.84
N THR A 359 -11.69 3.20 -10.66
CA THR A 359 -10.91 1.99 -10.50
C THR A 359 -11.62 0.84 -11.22
N ARG A 360 -12.94 0.71 -11.05
CA ARG A 360 -13.71 -0.39 -11.66
C ARG A 360 -13.57 -0.36 -13.17
N LYS A 361 -13.67 0.84 -13.75
CA LYS A 361 -13.47 1.05 -15.18
C LYS A 361 -12.13 0.51 -15.67
N TRP A 362 -11.05 0.97 -15.03
CA TRP A 362 -9.70 0.61 -15.46
C TRP A 362 -9.30 -0.81 -15.09
N SER A 363 -9.89 -1.33 -14.03
CA SER A 363 -9.70 -2.71 -13.65
C SER A 363 -10.23 -3.68 -14.72
N GLU A 364 -11.37 -3.34 -15.30
CA GLU A 364 -11.99 -4.19 -16.33
C GLU A 364 -11.20 -4.09 -17.63
N LYS A 365 -10.69 -2.90 -17.94
CA LYS A 365 -9.73 -2.74 -19.05
C LYS A 365 -8.51 -3.65 -18.84
N TYR A 366 -7.90 -3.54 -17.66
CA TYR A 366 -6.70 -4.29 -17.32
C TYR A 366 -6.95 -5.78 -17.35
N SER A 367 -8.09 -6.20 -16.80
CA SER A 367 -8.44 -7.61 -16.80
C SER A 367 -8.58 -8.17 -18.23
N LYS A 368 -9.31 -7.46 -19.09
CA LYS A 368 -9.49 -7.88 -20.48
CA LYS A 368 -9.50 -7.86 -20.48
C LYS A 368 -8.16 -7.84 -21.24
N GLU A 369 -7.40 -6.77 -21.07
CA GLU A 369 -6.09 -6.70 -21.71
C GLU A 369 -5.11 -7.76 -21.21
N ARG A 370 -5.09 -7.98 -19.90
CA ARG A 370 -4.19 -8.97 -19.31
C ARG A 370 -4.45 -10.40 -19.80
N ALA A 371 -5.69 -10.68 -20.17
CA ALA A 371 -6.07 -11.97 -20.78
C ALA A 371 -5.40 -12.23 -22.13
N THR A 372 -4.96 -11.19 -22.82
CA THR A 372 -4.34 -11.29 -24.14
C THR A 372 -2.81 -11.10 -24.10
N TYR A 373 -2.24 -10.92 -22.92
CA TYR A 373 -0.79 -10.89 -22.71
C TYR A 373 -0.18 -12.28 -22.96
N ALA A 374 -0.90 -13.33 -22.56
CA ALA A 374 -0.33 -14.66 -22.45
C ALA A 374 0.21 -15.20 -23.79
N LEU A 375 1.36 -15.87 -23.73
CA LEU A 375 1.96 -16.54 -24.91
C LEU A 375 0.97 -17.56 -25.51
N ASP A 376 0.27 -18.29 -24.65
CA ASP A 376 -0.84 -19.14 -25.11
C ASP A 376 -2.10 -18.27 -25.32
C1 MAN B . 11.07 9.56 2.89
C2 MAN B . 10.12 8.50 3.41
C3 MAN B . 10.71 7.11 3.14
C4 MAN B . 10.98 6.95 1.65
C5 MAN B . 11.89 8.06 1.17
C6 MAN B . 11.98 8.03 -0.34
O1 MAN B . 12.29 9.50 3.59
O2 MAN B . 8.85 8.59 2.73
O3 MAN B . 9.85 6.06 3.63
O4 MAN B . 11.63 5.71 1.42
O5 MAN B . 11.34 9.33 1.50
O6 MAN B . 12.95 8.99 -0.73
C1 MAN B . 7.93 9.51 3.39
C1 MAN B . 7.71 8.74 3.60
C2 MAN B . 6.61 9.56 2.62
C2 MAN B . 6.44 8.05 3.08
C3 MAN B . 6.68 10.50 1.40
C3 MAN B . 5.93 8.73 1.81
C4 MAN B . 7.05 11.90 1.85
C4 MAN B . 5.85 10.23 1.96
C5 MAN B . 8.38 11.82 2.58
C5 MAN B . 7.16 10.76 2.50
C6 MAN B . 8.73 13.18 3.14
C6 MAN B . 7.11 12.26 2.71
O2 MAN B . 5.59 9.94 3.53
O2 MAN B . 5.43 8.09 4.10
O3 MAN B . 5.44 10.55 0.66
O3 MAN B . 4.66 8.20 1.40
O4 MAN B . 7.14 12.76 0.70
O4 MAN B . 5.59 10.83 0.67
O5 MAN B . 8.38 10.86 3.65
O5 MAN B . 7.46 10.12 3.73
O6 MAN B . 10.11 13.22 3.51
O6 MAN B . 8.39 12.62 3.25
N1 EPE C . 18.21 -12.85 -9.95
C2 EPE C . 17.19 -11.81 -9.84
C3 EPE C . 15.91 -12.50 -9.36
N4 EPE C . 15.43 -13.45 -10.40
C5 EPE C . 16.48 -14.40 -10.80
C6 EPE C . 17.84 -13.74 -11.07
C7 EPE C . 14.06 -13.93 -10.03
C8 EPE C . 13.61 -15.35 -10.38
O8 EPE C . 13.94 -15.83 -11.69
C9 EPE C . 19.62 -12.41 -9.86
C10 EPE C . 20.39 -12.07 -11.14
S EPE C . 22.05 -11.99 -10.80
O1S EPE C . 22.49 -13.21 -10.12
O2S EPE C . 22.22 -10.80 -9.94
O3S EPE C . 22.72 -11.77 -12.09
MG MG D . 8.10 -17.34 -14.91
O1 TEW E . 3.00 -20.11 -16.55
O2 TEW E . 4.00 -17.91 -15.79
O3 TEW E . 5.43 -20.10 -15.72
O4 TEW E . 2.21 -18.79 -14.07
O5 TEW E . 4.85 -19.16 -13.23
O6 TEW E . 3.55 -21.28 -13.86
O7 TEW E . 4.87 -19.19 -18.24
O8 TEW E . 4.58 -22.52 -16.33
O9 TEW E . 6.60 -21.48 -17.72
O10 TEW E . 3.91 -21.43 -18.92
O11 TEW E . 3.29 -16.87 -18.33
O12 TEW E . 2.27 -19.12 -19.04
O13 TEW E . 1.46 -17.81 -16.67
O14 TEW E . 2.33 -15.64 -15.99
O15 TEW E . 3.22 -16.48 -13.43
O16 TEW E . 0.50 -16.84 -14.13
O17 TEW E . 3.91 -18.32 -20.80
O18 TEW E . 2.93 -20.85 -21.28
O19 TEW E . 5.68 -20.34 -20.86
O20 TEW E . 0.73 -16.76 -19.19
O21 TEW E . 1.10 -18.33 -21.42
O22 TEW E . 2.55 -15.93 -21.09
O23 TEW E . 1.90 -14.29 -18.29
O31 TEW E . -0.35 -15.69 -17.12
TE1 TEW E . 3.16 -18.48 -17.42
W1 TEW E . 3.87 -19.78 -14.57
W2 TEW E . 4.90 -21.22 -17.27
W3 TEW E . 2.15 -17.02 -14.70
W4 TEW E . 4.09 -20.07 -20.15
W5 TEW E . 2.17 -17.42 -20.34
W6 TEW E . 1.34 -15.76 -17.63
O1 TEW F . 21.14 0.31 -21.25
O2 TEW F . 21.71 0.84 -18.75
O3 TEW F . 21.83 2.78 -20.50
O4 TEW F . 23.66 -0.43 -20.04
O5 TEW F . 24.04 2.08 -19.11
O6 TEW F . 23.79 1.43 -21.85
O7 TEW F . 19.24 1.67 -19.92
O8 TEW F . 21.82 2.02 -22.78
O9 TEW F . 20.03 3.96 -21.52
O10 TEW F . 18.69 1.66 -22.37
O11 TEW F . 19.29 -0.27 -17.91
O12 TEW F . 18.71 -0.81 -20.40
O13 TEW F . 21.17 -1.62 -19.36
O14 TEW F . 21.72 -1.04 -16.91
O15 TEW F . 24.16 -0.13 -17.26
O16 TEW F . 23.74 -2.59 -18.47
O17 TEW F . 17.00 0.48 -19.02
O18 TEW F . 16.25 -0.27 -21.07
O19 TEW F . 16.69 2.49 -20.46
O20 TEW F . 18.75 -2.78 -18.26
O21 TEW F . 16.38 -2.37 -19.23
O22 TEW F . 16.82 -1.08 -16.87
O23 TEW F . 19.78 -2.24 -15.70
O31 TEW F . 21.05 -3.79 -17.55
TE1 TEW F . 20.19 0.02 -19.62
W1 TEW F . 23.05 1.36 -20.30
W2 TEW F . 20.51 2.33 -21.79
W3 TEW F . 23.09 -1.01 -18.30
W4 TEW F . 17.38 0.95 -20.89
W5 TEW F . 17.48 -1.35 -18.44
W6 TEW F . 20.33 -2.22 -17.32
O1 TEW G . 26.06 -7.89 10.89
O2 TEW G . 28.27 -8.06 9.57
O3 TEW G . 27.62 -5.94 11.41
O4 TEW G . 26.32 -7.35 8.15
O5 TEW G . 28.12 -5.27 8.81
O6 TEW G . 25.53 -5.26 9.68
O7 TEW G . 28.11 -8.53 12.37
O8 TEW G . 25.18 -5.87 12.79
O9 TEW G . 27.59 -6.20 14.08
O10 TEW G . 25.92 -8.40 13.67
O11 TEW G . 28.73 -10.69 10.62
O12 TEW G . 26.53 -10.56 11.91
O13 TEW G . 26.64 -10.06 9.14
O14 TEW G . 28.74 -10.22 7.80
O15 TEW G . 28.61 -7.73 6.66
O16 TEW G . 26.49 -9.46 6.29
O17 TEW G . 28.49 -11.15 13.40
O18 TEW G . 26.06 -10.90 14.73
O19 TEW G . 28.14 -9.12 15.22
O20 TEW G . 27.21 -12.69 10.21
O21 TEW G . 26.79 -13.30 12.84
O22 TEW G . 29.39 -13.27 11.89
O23 TEW G . 29.56 -12.74 8.72
O31 TEW G . 27.07 -12.46 7.55
TE1 TEW G . 27.38 -9.29 10.74
W1 TEW G . 26.96 -6.23 9.62
W2 TEW G . 26.60 -6.83 12.81
W3 TEW G . 27.49 -8.77 7.51
W4 TEW G . 27.20 -9.82 13.97
W5 TEW G . 27.92 -12.34 11.98
W6 TEW G . 28.13 -11.78 8.74
O4 IFM H . 5.32 3.36 6.27
C4 IFM H . 4.19 4.03 5.72
C3 IFM H . 4.27 5.52 6.14
O3 IFM H . 4.19 5.58 7.57
C2 IFM H . 3.18 6.35 5.48
N IFM H . 3.18 6.09 4.06
C1 IFM H . 3.06 4.72 3.59
C5 IFM H . 4.18 3.87 4.19
C6 IFM H . 4.02 2.45 3.65
O6 IFM H . 2.83 1.80 4.11
C1 GLC I . 4.75 6.78 8.12
C2 GLC I . 4.96 6.58 9.59
C3 GLC I . 3.62 6.54 10.30
C4 GLC I . 2.83 7.81 9.99
C5 GLC I . 2.64 7.93 8.49
C6 GLC I . 1.93 9.24 8.10
O2 GLC I . 5.70 5.36 9.78
O3 GLC I . 3.94 6.41 11.69
O4 GLC I . 1.58 7.76 10.68
O5 GLC I . 3.94 7.96 7.90
O6 GLC I . 1.83 9.32 6.66
#